data_7ERX
#
_entry.id   7ERX
#
_cell.length_a   54.482
_cell.length_b   83.173
_cell.length_c   109.391
_cell.angle_alpha   90.000
_cell.angle_beta   90.000
_cell.angle_gamma   90.000
#
_symmetry.space_group_name_H-M   'P 21 21 21'
#
loop_
_entity.id
_entity.type
_entity.pdbx_description
1 polymer Glycosyltransferase
2 non-polymer GLYCEROL
3 non-polymer "URIDINE-5'-DIPHOSPHATE"
4 non-polymer Steviolbioside
5 water water
#
_entity_poly.entity_id   1
_entity_poly.type   'polypeptide(L)'
_entity_poly.pdbx_seq_one_letter_code
;MDSGYSSSYAAAAGMHVVICPWLAFGHLLPCLDLAQRLASRGHRVSFVSTPRNISRLPPVRPALAPLVAFVALPLPRVEG
LPDGAESTNDVPHDRPDMVELHRRAFDGLAAPFSEFLGTACADWVIVDVFHHWAAAAALEHKVPCAMMLLGSAHMIASIA
DRRLERAETESPAAAGQGRPAAAPTFEVARMKLIRTKGSSGMSLAERFSLTLSRSSLVVGRSCVEFEPETVPLLSTLRGK
PITFLGLMPPLHEGRREDGEDATVRWLDAQPAKSVVYVALGSEVPLGVEKVHELALGLELAGTRFLWALRKPTGVSDADL
LPAGFEERTRGRGVVATRWVPQMSILAHAAVGAFLTHCGWNSTIEGLMFGHPLIMLPIFGDQGPNARLIEAKNAGLQVAR
NDGDGSFDREGVAAAIRAVAVEEESSKVFQAKAKKLQEIVADMACHERYIDGFIQQLRSYKDLEHHHHHH
;
_entity_poly.pdbx_strand_id   A
#
# COMPACT_ATOMS: atom_id res chain seq x y z
N MET A 15 1.51 27.19 0.69
CA MET A 15 2.65 26.66 -0.06
C MET A 15 2.13 25.98 -1.32
N HIS A 16 2.96 25.91 -2.36
CA HIS A 16 2.81 25.01 -3.52
C HIS A 16 3.70 23.78 -3.30
N VAL A 17 3.09 22.60 -3.16
CA VAL A 17 3.80 21.30 -2.97
C VAL A 17 3.62 20.46 -4.23
N VAL A 18 4.73 20.02 -4.83
CA VAL A 18 4.75 19.05 -5.96
C VAL A 18 4.98 17.65 -5.36
N ILE A 19 4.10 16.70 -5.68
N ILE A 19 4.07 16.71 -5.65
CA ILE A 19 4.15 15.30 -5.15
CA ILE A 19 4.11 15.30 -5.16
C ILE A 19 4.24 14.33 -6.35
C ILE A 19 4.29 14.38 -6.39
N CYS A 20 5.31 13.52 -6.37
CA CYS A 20 5.67 12.60 -7.46
C CYS A 20 5.69 11.17 -6.90
N PRO A 21 4.53 10.48 -6.88
CA PRO A 21 4.46 9.10 -6.42
C PRO A 21 5.08 8.10 -7.39
N TRP A 22 5.54 6.98 -6.84
CA TRP A 22 5.98 5.81 -7.62
C TRP A 22 4.75 5.28 -8.39
N LEU A 23 4.97 4.68 -9.55
CA LEU A 23 3.89 4.30 -10.49
C LEU A 23 3.30 2.97 -10.01
N ALA A 24 2.56 3.03 -8.91
CA ALA A 24 2.12 1.88 -8.10
C ALA A 24 0.98 2.36 -7.22
N PHE A 25 -0.12 1.60 -7.15
CA PHE A 25 -1.37 2.10 -6.52
C PHE A 25 -1.19 2.18 -5.01
N GLY A 26 -0.27 1.42 -4.41
CA GLY A 26 0.03 1.54 -2.97
C GLY A 26 0.82 2.82 -2.66
N HIS A 27 1.27 3.53 -3.70
CA HIS A 27 1.90 4.87 -3.60
C HIS A 27 0.94 5.97 -4.09
N LEU A 28 0.30 5.76 -5.24
CA LEU A 28 -0.64 6.75 -5.84
C LEU A 28 -1.77 7.05 -4.85
N LEU A 29 -2.34 6.05 -4.19
CA LEU A 29 -3.56 6.23 -3.37
C LEU A 29 -3.26 7.07 -2.13
N PRO A 30 -2.30 6.69 -1.24
CA PRO A 30 -2.02 7.54 -0.07
C PRO A 30 -1.50 8.93 -0.46
N CYS A 31 -0.78 9.03 -1.57
CA CYS A 31 -0.24 10.34 -2.07
C CYS A 31 -1.39 11.27 -2.49
N LEU A 32 -2.47 10.72 -3.05
CA LEU A 32 -3.65 11.53 -3.44
C LEU A 32 -4.40 11.94 -2.17
N ASP A 33 -4.49 11.05 -1.19
CA ASP A 33 -5.10 11.38 0.12
C ASP A 33 -4.31 12.53 0.74
N LEU A 34 -2.98 12.43 0.75
CA LEU A 34 -2.08 13.48 1.31
C LEU A 34 -2.33 14.78 0.54
N ALA A 35 -2.35 14.73 -0.79
CA ALA A 35 -2.57 15.94 -1.64
C ALA A 35 -3.84 16.67 -1.16
N GLN A 36 -4.91 15.92 -0.90
CA GLN A 36 -6.23 16.47 -0.52
C GLN A 36 -6.18 16.98 0.93
N ARG A 37 -5.43 16.33 1.81
CA ARG A 37 -5.28 16.84 3.20
C ARG A 37 -4.50 18.16 3.21
N LEU A 38 -3.47 18.30 2.38
CA LEU A 38 -2.75 19.60 2.25
C LEU A 38 -3.71 20.64 1.63
N ALA A 39 -4.47 20.25 0.61
CA ALA A 39 -5.34 21.20 -0.13
C ALA A 39 -6.47 21.67 0.80
N SER A 40 -6.89 20.80 1.75
CA SER A 40 -7.92 21.09 2.79
C SER A 40 -7.46 22.22 3.72
N ARG A 41 -6.14 22.35 3.92
CA ARG A 41 -5.58 23.38 4.83
C ARG A 41 -5.17 24.61 4.02
N GLY A 42 -5.57 24.67 2.74
CA GLY A 42 -5.43 25.86 1.87
C GLY A 42 -4.15 25.89 1.06
N HIS A 43 -3.36 24.81 1.08
CA HIS A 43 -2.13 24.65 0.26
C HIS A 43 -2.52 24.20 -1.16
N ARG A 44 -1.66 24.49 -2.14
N ARG A 44 -1.65 24.46 -2.14
CA ARG A 44 -1.80 24.07 -3.56
CA ARG A 44 -1.84 24.04 -3.55
C ARG A 44 -0.89 22.86 -3.80
C ARG A 44 -0.89 22.88 -3.84
N VAL A 45 -1.37 21.87 -4.54
CA VAL A 45 -0.59 20.65 -4.85
C VAL A 45 -0.62 20.41 -6.36
N SER A 46 0.56 20.12 -6.93
CA SER A 46 0.73 19.53 -8.29
C SER A 46 1.04 18.04 -8.11
N PHE A 47 0.07 17.20 -8.48
CA PHE A 47 0.16 15.73 -8.37
C PHE A 47 0.68 15.26 -9.73
N VAL A 48 1.95 14.85 -9.76
CA VAL A 48 2.69 14.52 -11.01
C VAL A 48 2.70 12.99 -11.17
N SER A 49 2.14 12.50 -12.27
CA SER A 49 2.18 11.07 -12.66
C SER A 49 1.92 10.94 -14.16
N THR A 50 1.58 9.73 -14.59
CA THR A 50 1.34 9.37 -16.01
C THR A 50 -0.16 9.34 -16.22
N PRO A 51 -0.64 9.60 -17.45
CA PRO A 51 -2.07 9.86 -17.70
C PRO A 51 -3.02 8.70 -17.39
N ARG A 52 -2.67 7.45 -17.70
CA ARG A 52 -3.59 6.31 -17.37
C ARG A 52 -3.65 6.10 -15.84
N ASN A 53 -2.52 6.22 -15.13
CA ASN A 53 -2.52 6.11 -13.65
C ASN A 53 -3.45 7.17 -13.07
N ILE A 54 -3.36 8.43 -13.53
CA ILE A 54 -4.21 9.54 -13.04
C ILE A 54 -5.69 9.22 -13.32
N SER A 55 -6.03 8.80 -14.54
CA SER A 55 -7.41 8.42 -14.96
C SER A 55 -8.01 7.34 -14.05
N ARG A 56 -7.22 6.51 -13.37
CA ARG A 56 -7.73 5.38 -12.55
C ARG A 56 -7.85 5.80 -11.07
N LEU A 57 -7.48 7.03 -10.73
CA LEU A 57 -7.55 7.50 -9.32
C LEU A 57 -8.96 7.98 -9.00
N PRO A 58 -9.39 7.90 -7.72
CA PRO A 58 -10.66 8.48 -7.29
C PRO A 58 -10.69 9.98 -7.58
N PRO A 59 -11.84 10.55 -7.96
CA PRO A 59 -11.93 11.98 -8.17
C PRO A 59 -11.65 12.76 -6.87
N VAL A 60 -10.99 13.91 -7.00
CA VAL A 60 -10.76 14.87 -5.88
C VAL A 60 -12.13 15.45 -5.45
N ARG A 61 -12.33 15.73 -4.16
CA ARG A 61 -13.57 16.42 -3.73
C ARG A 61 -13.69 17.71 -4.55
N PRO A 62 -14.87 17.99 -5.17
CA PRO A 62 -15.02 19.19 -5.98
C PRO A 62 -14.57 20.51 -5.33
N ALA A 63 -14.63 20.59 -3.99
CA ALA A 63 -14.28 21.80 -3.20
C ALA A 63 -12.75 22.01 -3.21
N LEU A 64 -11.98 20.99 -3.52
CA LEU A 64 -10.49 21.03 -3.58
C LEU A 64 -10.02 21.09 -5.03
N ALA A 65 -10.93 21.05 -6.00
CA ALA A 65 -10.62 20.86 -7.43
C ALA A 65 -9.47 21.80 -7.87
N PRO A 66 -9.52 23.13 -7.63
CA PRO A 66 -8.47 24.00 -8.15
C PRO A 66 -7.17 23.96 -7.33
N LEU A 67 -7.14 23.27 -6.20
CA LEU A 67 -5.98 23.19 -5.29
C LEU A 67 -5.17 21.91 -5.52
N VAL A 68 -5.67 20.96 -6.31
CA VAL A 68 -4.94 19.71 -6.63
C VAL A 68 -4.86 19.65 -8.15
N ALA A 69 -3.77 20.14 -8.74
CA ALA A 69 -3.58 20.10 -10.21
C ALA A 69 -2.94 18.74 -10.55
N PHE A 70 -3.55 17.98 -11.44
CA PHE A 70 -2.97 16.75 -12.02
C PHE A 70 -2.06 17.15 -13.17
N VAL A 71 -0.79 16.71 -13.10
CA VAL A 71 0.24 16.99 -14.13
C VAL A 71 0.57 15.66 -14.77
N ALA A 72 -0.02 15.41 -15.95
CA ALA A 72 0.11 14.14 -16.70
C ALA A 72 1.37 14.25 -17.56
N LEU A 73 2.43 13.52 -17.21
CA LEU A 73 3.61 13.34 -18.10
C LEU A 73 3.50 11.98 -18.78
N PRO A 74 3.37 11.89 -20.12
CA PRO A 74 3.20 10.58 -20.77
C PRO A 74 4.51 9.77 -20.66
N LEU A 75 4.41 8.48 -20.34
CA LEU A 75 5.58 7.55 -20.30
C LEU A 75 6.20 7.53 -21.70
N PRO A 76 7.53 7.73 -21.84
CA PRO A 76 8.19 7.48 -23.12
C PRO A 76 7.92 6.02 -23.55
N ARG A 77 7.59 5.80 -24.82
CA ARG A 77 7.53 4.44 -25.43
C ARG A 77 8.93 3.83 -25.39
N VAL A 78 9.03 2.62 -24.85
CA VAL A 78 10.29 1.84 -24.76
C VAL A 78 10.06 0.49 -25.45
N GLU A 79 10.70 0.26 -26.59
CA GLU A 79 10.62 -0.99 -27.41
C GLU A 79 10.07 -2.11 -26.55
N GLY A 80 8.82 -2.53 -26.74
CA GLY A 80 8.26 -3.76 -26.16
C GLY A 80 7.43 -3.56 -24.90
N LEU A 81 7.55 -2.42 -24.19
CA LEU A 81 6.63 -2.07 -23.08
C LEU A 81 5.26 -1.73 -23.67
N PRO A 82 4.21 -2.54 -23.40
CA PRO A 82 2.90 -2.31 -24.02
C PRO A 82 2.32 -0.93 -23.66
N ASP A 83 1.55 -0.36 -24.59
CA ASP A 83 0.85 0.93 -24.38
C ASP A 83 -0.14 0.73 -23.23
N GLY A 84 -0.18 1.71 -22.32
CA GLY A 84 -1.08 1.72 -21.16
C GLY A 84 -0.47 1.05 -19.94
N ALA A 85 0.67 0.36 -20.08
CA ALA A 85 1.33 -0.44 -19.02
C ALA A 85 2.16 0.51 -18.14
N GLU A 86 1.49 1.23 -17.24
CA GLU A 86 2.04 2.47 -16.64
C GLU A 86 2.39 2.24 -15.16
N SER A 87 1.75 1.25 -14.53
CA SER A 87 1.86 0.97 -13.07
C SER A 87 2.39 -0.45 -12.84
N THR A 88 2.82 -0.74 -11.62
CA THR A 88 3.22 -2.06 -11.14
C THR A 88 2.00 -3.01 -11.12
N ASN A 89 0.78 -2.50 -11.23
CA ASN A 89 -0.45 -3.32 -11.31
C ASN A 89 -0.62 -3.82 -12.75
N ASP A 90 0.02 -3.19 -13.74
CA ASP A 90 -0.08 -3.52 -15.19
C ASP A 90 1.17 -4.26 -15.65
N VAL A 91 2.31 -4.02 -15.00
CA VAL A 91 3.62 -4.62 -15.34
C VAL A 91 3.93 -5.65 -14.27
N PRO A 92 3.83 -6.96 -14.59
CA PRO A 92 3.88 -8.00 -13.58
C PRO A 92 5.32 -8.32 -13.13
N HIS A 93 5.51 -8.50 -11.82
CA HIS A 93 6.78 -8.87 -11.18
C HIS A 93 7.29 -10.21 -11.72
N ASP A 94 6.39 -11.12 -12.14
CA ASP A 94 6.77 -12.43 -12.74
C ASP A 94 7.23 -12.26 -14.19
N ARG A 95 7.35 -11.04 -14.73
CA ARG A 95 8.00 -10.78 -16.04
C ARG A 95 9.10 -9.73 -15.86
N PRO A 96 10.22 -10.07 -15.17
CA PRO A 96 11.27 -9.10 -14.85
C PRO A 96 11.84 -8.34 -16.07
N ASP A 97 11.83 -8.95 -17.26
CA ASP A 97 12.17 -8.23 -18.51
C ASP A 97 11.25 -7.00 -18.63
N MET A 98 9.95 -7.16 -18.38
CA MET A 98 8.99 -6.04 -18.54
C MET A 98 9.16 -5.02 -17.41
N VAL A 99 9.44 -5.49 -16.19
CA VAL A 99 9.76 -4.60 -15.01
C VAL A 99 10.91 -3.67 -15.41
N GLU A 100 12.01 -4.23 -15.94
CA GLU A 100 13.19 -3.44 -16.37
C GLU A 100 12.77 -2.41 -17.42
N LEU A 101 11.98 -2.81 -18.43
CA LEU A 101 11.50 -1.88 -19.49
C LEU A 101 10.71 -0.74 -18.85
N HIS A 102 9.88 -1.03 -17.85
CA HIS A 102 9.05 -0.03 -17.13
C HIS A 102 9.94 0.97 -16.36
N ARG A 103 11.03 0.49 -15.75
CA ARG A 103 11.98 1.35 -15.00
C ARG A 103 12.66 2.31 -15.98
N ARG A 104 13.04 1.84 -17.17
CA ARG A 104 13.60 2.70 -18.25
C ARG A 104 12.58 3.79 -18.62
N ALA A 105 11.31 3.44 -18.85
CA ALA A 105 10.26 4.42 -19.23
C ALA A 105 10.11 5.48 -18.13
N PHE A 106 10.02 5.03 -16.89
CA PHE A 106 9.97 5.89 -15.68
C PHE A 106 11.16 6.89 -15.67
N ASP A 107 12.39 6.42 -15.88
CA ASP A 107 13.61 7.27 -15.83
C ASP A 107 13.56 8.28 -16.98
N GLY A 108 12.86 7.93 -18.07
CA GLY A 108 12.62 8.82 -19.22
C GLY A 108 11.73 10.01 -18.88
N LEU A 109 11.08 10.04 -17.72
CA LEU A 109 10.27 11.21 -17.28
C LEU A 109 11.18 12.36 -16.84
N ALA A 110 12.49 12.13 -16.77
CA ALA A 110 13.48 13.07 -16.17
C ALA A 110 13.36 14.46 -16.82
N ALA A 111 13.44 14.56 -18.14
CA ALA A 111 13.45 15.89 -18.84
C ALA A 111 12.08 16.56 -18.77
N PRO A 112 10.95 15.93 -19.16
CA PRO A 112 9.63 16.56 -19.01
C PRO A 112 9.42 17.06 -17.57
N PHE A 113 9.89 16.31 -16.57
CA PHE A 113 9.70 16.70 -15.15
C PHE A 113 10.54 17.93 -14.82
N SER A 114 11.81 17.98 -15.24
CA SER A 114 12.72 19.12 -14.94
C SER A 114 12.18 20.41 -15.59
N GLU A 115 11.63 20.32 -16.81
CA GLU A 115 11.02 21.48 -17.52
C GLU A 115 9.79 21.94 -16.73
N PHE A 116 8.94 21.02 -16.29
CA PHE A 116 7.74 21.36 -15.48
C PHE A 116 8.16 22.10 -14.20
N LEU A 117 9.11 21.55 -13.45
CA LEU A 117 9.49 22.11 -12.13
C LEU A 117 10.05 23.52 -12.29
N GLY A 118 10.67 23.81 -13.45
CA GLY A 118 11.33 25.11 -13.71
C GLY A 118 10.38 26.27 -13.50
N THR A 119 9.16 26.17 -14.01
CA THR A 119 8.14 27.24 -13.98
C THR A 119 6.96 26.89 -13.07
N ALA A 120 7.13 26.00 -12.08
CA ALA A 120 6.04 25.53 -11.21
C ALA A 120 5.87 26.43 -9.98
N CYS A 121 6.86 27.25 -9.66
CA CYS A 121 6.87 28.10 -8.44
C CYS A 121 6.61 27.19 -7.25
N ALA A 122 7.38 26.11 -7.12
CA ALA A 122 7.20 25.10 -6.07
C ALA A 122 7.95 25.55 -4.82
N ASP A 123 7.32 25.45 -3.65
CA ASP A 123 7.96 25.61 -2.33
C ASP A 123 8.65 24.31 -1.91
N TRP A 124 8.09 23.15 -2.28
CA TRP A 124 8.61 21.80 -1.92
C TRP A 124 8.33 20.83 -3.07
N VAL A 125 9.26 19.92 -3.30
CA VAL A 125 9.05 18.65 -4.05
C VAL A 125 9.04 17.49 -3.04
N ILE A 126 8.01 16.65 -3.09
CA ILE A 126 7.90 15.40 -2.30
C ILE A 126 7.96 14.26 -3.32
N VAL A 127 9.05 13.48 -3.29
CA VAL A 127 9.34 12.44 -4.31
C VAL A 127 9.39 11.08 -3.61
N ASP A 128 9.14 10.03 -4.38
CA ASP A 128 9.10 8.65 -3.88
C ASP A 128 10.51 8.06 -4.02
N VAL A 129 10.66 6.82 -3.60
CA VAL A 129 11.96 6.14 -3.30
C VAL A 129 12.82 6.01 -4.54
N PHE A 130 12.25 5.94 -5.75
CA PHE A 130 13.02 5.67 -6.98
C PHE A 130 13.17 6.94 -7.83
N HIS A 131 12.69 8.09 -7.35
CA HIS A 131 12.64 9.38 -8.10
C HIS A 131 13.99 10.12 -7.99
N HIS A 132 15.07 9.49 -8.46
CA HIS A 132 16.43 10.08 -8.39
C HIS A 132 16.51 11.31 -9.31
N TRP A 133 15.94 11.23 -10.51
CA TRP A 133 15.86 12.38 -11.46
C TRP A 133 15.03 13.53 -10.88
N ALA A 134 13.97 13.28 -10.12
CA ALA A 134 13.11 14.34 -9.55
C ALA A 134 13.86 15.09 -8.43
N ALA A 135 14.60 14.39 -7.58
CA ALA A 135 15.51 15.00 -6.56
C ALA A 135 16.62 15.84 -7.24
N ALA A 136 17.16 15.37 -8.36
CA ALA A 136 18.18 16.11 -9.16
C ALA A 136 17.55 17.39 -9.75
N ALA A 137 16.31 17.32 -10.28
CA ALA A 137 15.61 18.53 -10.78
C ALA A 137 15.43 19.50 -9.61
N ALA A 138 15.08 18.99 -8.43
CA ALA A 138 14.90 19.82 -7.22
C ALA A 138 16.20 20.59 -6.92
N LEU A 139 17.36 19.92 -6.94
CA LEU A 139 18.70 20.60 -6.78
C LEU A 139 18.89 21.64 -7.90
N GLU A 140 18.72 21.25 -9.16
CA GLU A 140 18.86 22.14 -10.34
C GLU A 140 18.08 23.45 -10.09
N HIS A 141 16.83 23.38 -9.62
CA HIS A 141 15.88 24.52 -9.53
C HIS A 141 15.80 25.08 -8.08
N LYS A 142 16.68 24.56 -7.18
CA LYS A 142 16.82 25.06 -5.78
C LYS A 142 15.45 24.99 -5.09
N VAL A 143 14.77 23.86 -5.23
CA VAL A 143 13.50 23.57 -4.48
C VAL A 143 13.82 22.50 -3.47
N PRO A 144 13.54 22.74 -2.16
CA PRO A 144 13.71 21.72 -1.14
C PRO A 144 12.93 20.46 -1.56
N CYS A 145 13.52 19.31 -1.24
CA CYS A 145 13.05 17.98 -1.70
C CYS A 145 12.94 17.05 -0.50
N ALA A 146 11.73 16.55 -0.24
CA ALA A 146 11.44 15.52 0.78
C ALA A 146 11.31 14.18 0.09
N MET A 147 12.02 13.15 0.58
CA MET A 147 11.85 11.76 0.08
C MET A 147 10.78 11.07 0.93
N MET A 148 9.71 10.65 0.27
CA MET A 148 8.64 9.79 0.86
C MET A 148 9.22 8.41 1.14
N LEU A 149 9.16 8.01 2.40
CA LEU A 149 9.40 6.61 2.82
C LEU A 149 8.18 6.19 3.66
N LEU A 150 7.01 6.10 3.02
CA LEU A 150 5.68 6.13 3.70
C LEU A 150 5.36 4.73 4.22
N GLY A 151 6.27 4.20 5.04
CA GLY A 151 6.13 2.94 5.78
C GLY A 151 6.28 3.20 7.26
N SER A 152 6.46 2.13 8.01
CA SER A 152 6.60 2.12 9.47
C SER A 152 7.96 2.70 9.89
N ALA A 153 8.00 3.17 11.13
CA ALA A 153 9.24 3.55 11.83
C ALA A 153 10.18 2.34 11.86
N HIS A 154 9.65 1.14 12.07
CA HIS A 154 10.45 -0.11 12.17
C HIS A 154 11.12 -0.38 10.82
N MET A 155 10.41 -0.16 9.73
CA MET A 155 10.97 -0.31 8.36
C MET A 155 12.13 0.66 8.17
N ILE A 156 11.96 1.93 8.55
CA ILE A 156 13.00 2.98 8.42
C ILE A 156 14.20 2.66 9.32
N ALA A 157 13.98 2.20 10.55
CA ALA A 157 15.04 1.77 11.49
C ALA A 157 15.85 0.63 10.86
N SER A 158 15.20 -0.27 10.12
N SER A 158 15.19 -0.29 10.16
CA SER A 158 15.84 -1.44 9.45
CA SER A 158 15.84 -1.43 9.46
C SER A 158 16.72 -0.99 8.28
C SER A 158 16.79 -0.91 8.37
N ILE A 159 16.41 0.13 7.62
CA ILE A 159 17.25 0.69 6.52
C ILE A 159 18.48 1.36 7.13
N ALA A 160 18.29 2.29 8.06
CA ALA A 160 19.31 2.74 9.01
C ALA A 160 19.94 1.51 9.67
N GLY A 201 20.69 -1.09 -16.11
CA GLY A 201 20.92 0.22 -15.45
C GLY A 201 21.24 0.03 -13.97
N MET A 202 20.43 0.64 -13.09
CA MET A 202 20.68 0.71 -11.62
C MET A 202 19.72 -0.22 -10.90
N SER A 203 20.17 -0.82 -9.79
CA SER A 203 19.28 -1.58 -8.86
C SER A 203 18.35 -0.60 -8.13
N LEU A 204 17.34 -1.16 -7.48
CA LEU A 204 16.38 -0.44 -6.62
C LEU A 204 17.16 0.26 -5.50
N ALA A 205 18.20 -0.39 -4.97
CA ALA A 205 19.07 0.12 -3.88
C ALA A 205 19.79 1.39 -4.34
N GLU A 206 20.26 1.44 -5.57
CA GLU A 206 21.03 2.60 -6.08
C GLU A 206 20.06 3.75 -6.39
N ARG A 207 18.89 3.48 -6.97
CA ARG A 207 17.85 4.52 -7.17
C ARG A 207 17.54 5.15 -5.81
N PHE A 208 17.33 4.30 -4.81
CA PHE A 208 16.90 4.72 -3.45
C PHE A 208 18.00 5.61 -2.87
N SER A 209 19.25 5.14 -2.90
CA SER A 209 20.42 5.84 -2.31
C SER A 209 20.66 7.17 -3.01
N LEU A 210 20.52 7.20 -4.33
CA LEU A 210 20.69 8.45 -5.12
C LEU A 210 19.58 9.45 -4.70
N THR A 211 18.33 9.00 -4.67
CA THR A 211 17.18 9.86 -4.26
C THR A 211 17.47 10.39 -2.85
N LEU A 212 17.83 9.50 -1.91
CA LEU A 212 18.07 9.85 -0.49
C LEU A 212 19.20 10.89 -0.39
N SER A 213 20.29 10.67 -1.13
CA SER A 213 21.48 11.58 -1.16
C SER A 213 21.09 12.99 -1.66
N ARG A 214 20.09 13.10 -2.53
CA ARG A 214 19.70 14.39 -3.14
C ARG A 214 18.59 15.07 -2.34
N SER A 215 18.04 14.44 -1.31
CA SER A 215 16.89 14.97 -0.52
C SER A 215 17.41 15.61 0.76
N SER A 216 16.62 16.49 1.38
CA SER A 216 16.97 17.17 2.65
C SER A 216 16.10 16.65 3.81
N LEU A 217 15.11 15.82 3.54
CA LEU A 217 14.08 15.41 4.52
C LEU A 217 13.54 14.04 4.08
N VAL A 218 13.27 13.16 5.04
CA VAL A 218 12.68 11.82 4.78
C VAL A 218 11.37 11.79 5.54
N VAL A 219 10.30 11.28 4.92
CA VAL A 219 8.93 11.33 5.50
C VAL A 219 8.42 9.90 5.67
N GLY A 220 8.12 9.50 6.90
CA GLY A 220 7.49 8.21 7.20
C GLY A 220 6.02 8.35 7.57
N ARG A 221 5.29 7.24 7.49
CA ARG A 221 3.84 7.15 7.75
C ARG A 221 3.67 6.37 9.04
N SER A 222 4.01 6.97 10.18
CA SER A 222 3.76 6.37 11.50
C SER A 222 3.79 7.48 12.55
N CYS A 223 3.79 7.12 13.82
CA CYS A 223 3.76 8.08 14.95
C CYS A 223 4.20 7.37 16.20
N VAL A 224 4.61 8.14 17.21
CA VAL A 224 5.15 7.60 18.48
C VAL A 224 4.04 6.76 19.14
N GLU A 225 2.76 7.15 18.95
CA GLU A 225 1.61 6.47 19.59
C GLU A 225 1.52 5.03 19.07
N PHE A 226 1.85 4.78 17.80
CA PHE A 226 1.77 3.41 17.24
C PHE A 226 3.09 2.66 17.48
N GLU A 227 4.22 3.37 17.42
CA GLU A 227 5.58 2.75 17.53
C GLU A 227 6.41 3.50 18.56
N PRO A 228 5.99 3.49 19.84
CA PRO A 228 6.67 4.27 20.87
C PRO A 228 8.12 3.79 21.11
N GLU A 229 8.42 2.53 20.78
CA GLU A 229 9.75 1.90 21.00
C GLU A 229 10.74 2.34 19.90
N THR A 230 10.28 2.76 18.71
CA THR A 230 11.16 3.13 17.57
C THR A 230 11.21 4.65 17.33
N VAL A 231 10.06 5.34 17.31
CA VAL A 231 10.02 6.76 16.80
C VAL A 231 10.97 7.64 17.62
N PRO A 232 11.01 7.57 18.97
CA PRO A 232 11.90 8.44 19.73
C PRO A 232 13.40 8.14 19.53
N LEU A 233 13.73 6.97 18.98
CA LEU A 233 15.14 6.55 18.72
C LEU A 233 15.62 7.14 17.39
N LEU A 234 14.73 7.56 16.50
CA LEU A 234 15.10 7.97 15.13
C LEU A 234 15.28 9.50 15.08
N SER A 235 16.35 9.97 14.47
CA SER A 235 16.57 11.41 14.14
C SER A 235 16.77 11.53 12.64
N THR A 236 17.73 10.77 12.10
CA THR A 236 18.23 10.92 10.70
C THR A 236 18.34 9.55 10.04
N LEU A 237 18.14 9.50 8.73
CA LEU A 237 18.47 8.34 7.87
C LEU A 237 19.67 8.77 7.00
N ARG A 238 20.86 8.24 7.31
CA ARG A 238 22.12 8.56 6.61
C ARG A 238 22.30 10.08 6.54
N GLY A 239 22.12 10.78 7.66
CA GLY A 239 22.37 12.22 7.78
C GLY A 239 21.16 13.09 7.48
N LYS A 240 20.07 12.54 6.92
CA LYS A 240 18.84 13.29 6.53
C LYS A 240 17.81 13.21 7.64
N PRO A 241 17.24 14.34 8.09
CA PRO A 241 16.26 14.36 9.18
C PRO A 241 15.02 13.53 8.80
N ILE A 242 14.53 12.75 9.77
CA ILE A 242 13.28 11.96 9.60
C ILE A 242 12.14 12.71 10.27
N THR A 243 11.01 12.81 9.58
CA THR A 243 9.73 13.30 10.15
C THR A 243 8.65 12.25 9.85
N PHE A 244 7.68 12.14 10.76
CA PHE A 244 6.52 11.23 10.65
C PHE A 244 5.28 12.08 10.48
N LEU A 245 4.49 11.83 9.44
CA LEU A 245 3.25 12.58 9.19
C LEU A 245 2.05 11.79 9.72
N GLY A 246 2.27 10.88 10.67
CA GLY A 246 1.22 10.05 11.28
C GLY A 246 0.88 8.85 10.43
N LEU A 247 -0.11 8.06 10.85
CA LEU A 247 -0.52 6.86 10.09
C LEU A 247 -1.38 7.25 8.87
N MET A 248 -2.00 8.43 8.89
CA MET A 248 -2.80 8.96 7.75
C MET A 248 -3.74 7.86 7.22
N PRO A 249 -4.61 7.30 8.07
CA PRO A 249 -5.53 6.29 7.60
C PRO A 249 -6.51 6.94 6.61
N PRO A 250 -6.88 6.26 5.50
CA PRO A 250 -7.74 6.86 4.49
C PRO A 250 -9.11 7.26 5.04
N LEU A 251 -9.63 8.39 4.56
CA LEU A 251 -11.05 8.78 4.78
C LEU A 251 -11.89 7.89 3.85
N HIS A 252 -12.77 7.07 4.42
CA HIS A 252 -13.55 6.03 3.68
C HIS A 252 -14.21 6.67 2.43
N GLU A 253 -14.89 7.81 2.60
CA GLU A 253 -15.54 8.59 1.51
C GLU A 253 -14.53 8.94 0.39
N GLY A 254 -13.30 9.32 0.76
CA GLY A 254 -12.24 9.79 -0.17
C GLY A 254 -11.91 8.80 -1.28
N ARG A 255 -12.15 7.51 -1.06
CA ARG A 255 -11.79 6.43 -2.01
C ARG A 255 -12.87 6.32 -3.09
N ARG A 256 -14.09 6.80 -2.83
CA ARG A 256 -15.22 6.88 -3.80
C ARG A 256 -15.49 5.50 -4.42
N GLU A 257 -15.51 4.45 -3.59
CA GLU A 257 -15.77 3.06 -4.04
C GLU A 257 -17.25 2.88 -4.38
N ASP A 258 -17.56 1.77 -5.05
CA ASP A 258 -18.95 1.31 -5.27
C ASP A 258 -19.38 0.42 -4.10
N GLY A 259 -20.30 0.91 -3.25
CA GLY A 259 -20.90 0.14 -2.14
C GLY A 259 -22.04 -0.76 -2.59
N GLU A 260 -22.33 -0.81 -3.90
CA GLU A 260 -23.22 -1.78 -4.57
C GLU A 260 -22.40 -2.85 -5.29
N ASP A 261 -21.08 -2.87 -5.07
CA ASP A 261 -20.19 -3.91 -5.68
C ASP A 261 -20.71 -5.29 -5.20
N ALA A 262 -20.68 -6.26 -6.13
CA ALA A 262 -21.18 -7.65 -5.94
C ALA A 262 -20.51 -8.27 -4.70
N THR A 263 -19.24 -7.97 -4.43
CA THR A 263 -18.52 -8.51 -3.24
C THR A 263 -19.22 -8.02 -1.96
N VAL A 264 -19.60 -6.74 -1.89
CA VAL A 264 -20.26 -6.14 -0.69
C VAL A 264 -21.69 -6.73 -0.54
N ARG A 265 -22.42 -6.92 -1.64
CA ARG A 265 -23.79 -7.50 -1.57
C ARG A 265 -23.68 -8.94 -1.05
N TRP A 266 -22.66 -9.70 -1.46
CA TRP A 266 -22.38 -11.06 -0.90
C TRP A 266 -22.12 -10.96 0.62
N LEU A 267 -21.31 -10.01 1.06
CA LEU A 267 -20.98 -9.85 2.49
C LEU A 267 -22.24 -9.61 3.32
N ASP A 268 -23.19 -8.83 2.78
CA ASP A 268 -24.47 -8.45 3.43
C ASP A 268 -25.22 -9.71 3.94
N ALA A 269 -25.13 -10.85 3.23
CA ALA A 269 -25.84 -12.09 3.58
C ALA A 269 -25.05 -12.92 4.60
N GLN A 270 -23.82 -12.55 4.98
CA GLN A 270 -22.99 -13.38 5.90
C GLN A 270 -23.17 -12.88 7.33
N PRO A 271 -23.07 -13.79 8.34
CA PRO A 271 -23.05 -13.37 9.74
C PRO A 271 -21.83 -12.50 10.12
N ALA A 272 -22.01 -11.72 11.18
CA ALA A 272 -21.03 -10.75 11.72
C ALA A 272 -19.69 -11.47 11.99
N LYS A 273 -18.57 -10.91 11.54
CA LYS A 273 -17.20 -11.37 11.91
C LYS A 273 -16.98 -12.82 11.44
N SER A 274 -17.67 -13.27 10.38
CA SER A 274 -17.62 -14.67 9.91
C SER A 274 -16.68 -14.81 8.72
N VAL A 275 -16.38 -13.72 8.03
CA VAL A 275 -15.70 -13.80 6.71
C VAL A 275 -14.23 -13.44 6.89
N VAL A 276 -13.35 -14.29 6.37
CA VAL A 276 -11.90 -13.96 6.21
C VAL A 276 -11.73 -13.27 4.86
N TYR A 277 -11.38 -11.98 4.88
CA TYR A 277 -11.00 -11.23 3.66
C TYR A 277 -9.54 -11.54 3.32
N VAL A 278 -9.29 -11.86 2.05
CA VAL A 278 -7.97 -12.26 1.52
C VAL A 278 -7.64 -11.30 0.37
N ALA A 279 -6.55 -10.55 0.50
CA ALA A 279 -6.04 -9.65 -0.56
C ALA A 279 -4.54 -9.42 -0.36
N LEU A 280 -3.79 -9.42 -1.45
CA LEU A 280 -2.32 -9.20 -1.43
C LEU A 280 -1.97 -7.91 -2.18
N GLY A 281 -2.74 -6.85 -1.96
CA GLY A 281 -2.42 -5.54 -2.56
C GLY A 281 -2.53 -5.56 -4.07
N SER A 282 -1.78 -4.65 -4.70
CA SER A 282 -1.97 -4.28 -6.12
C SER A 282 -0.88 -4.88 -7.00
N GLU A 283 0.19 -5.47 -6.46
CA GLU A 283 1.32 -5.83 -7.36
C GLU A 283 2.13 -7.07 -6.98
N VAL A 284 2.21 -7.51 -5.73
CA VAL A 284 3.18 -8.61 -5.41
C VAL A 284 2.80 -9.83 -6.25
N PRO A 285 3.80 -10.58 -6.78
CA PRO A 285 3.54 -11.80 -7.53
C PRO A 285 3.11 -12.90 -6.55
N LEU A 286 2.23 -13.78 -7.00
CA LEU A 286 2.01 -15.12 -6.39
C LEU A 286 1.80 -16.12 -7.54
N GLY A 287 2.81 -16.96 -7.79
CA GLY A 287 2.78 -17.97 -8.85
C GLY A 287 1.66 -18.97 -8.63
N VAL A 288 1.27 -19.68 -9.68
CA VAL A 288 0.04 -20.52 -9.69
C VAL A 288 0.14 -21.61 -8.62
N GLU A 289 1.31 -22.23 -8.43
CA GLU A 289 1.50 -23.29 -7.40
C GLU A 289 1.21 -22.70 -6.01
N LYS A 290 1.62 -21.45 -5.75
CA LYS A 290 1.37 -20.74 -4.46
C LYS A 290 -0.11 -20.31 -4.35
N VAL A 291 -0.75 -19.93 -5.46
CA VAL A 291 -2.21 -19.62 -5.49
C VAL A 291 -2.95 -20.91 -5.07
N HIS A 292 -2.57 -22.04 -5.63
CA HIS A 292 -3.19 -23.37 -5.30
C HIS A 292 -3.01 -23.66 -3.81
N GLU A 293 -1.83 -23.42 -3.23
CA GLU A 293 -1.58 -23.70 -1.79
C GLU A 293 -2.45 -22.77 -0.94
N LEU A 294 -2.55 -21.48 -1.28
CA LEU A 294 -3.41 -20.51 -0.54
C LEU A 294 -4.90 -20.92 -0.65
N ALA A 295 -5.37 -21.25 -1.85
CA ALA A 295 -6.74 -21.78 -2.08
C ALA A 295 -7.02 -22.98 -1.17
N LEU A 296 -6.19 -24.04 -1.24
CA LEU A 296 -6.42 -25.29 -0.46
C LEU A 296 -6.31 -25.00 1.04
N GLY A 297 -5.44 -24.10 1.47
CA GLY A 297 -5.36 -23.67 2.87
C GLY A 297 -6.68 -23.05 3.34
N LEU A 298 -7.23 -22.14 2.53
CA LEU A 298 -8.53 -21.48 2.81
C LEU A 298 -9.63 -22.54 2.94
N GLU A 299 -9.64 -23.53 2.04
CA GLU A 299 -10.62 -24.65 2.08
C GLU A 299 -10.42 -25.46 3.37
N LEU A 300 -9.19 -25.86 3.71
CA LEU A 300 -8.89 -26.70 4.90
C LEU A 300 -9.34 -26.02 6.20
N ALA A 301 -9.17 -24.71 6.35
CA ALA A 301 -9.53 -24.01 7.61
C ALA A 301 -11.08 -23.86 7.70
N GLY A 302 -11.78 -23.95 6.57
CA GLY A 302 -13.25 -24.15 6.54
C GLY A 302 -14.02 -22.86 6.78
N THR A 303 -13.37 -21.72 6.95
CA THR A 303 -14.08 -20.42 7.18
C THR A 303 -14.71 -19.92 5.83
N ARG A 304 -15.71 -19.05 5.99
CA ARG A 304 -16.15 -18.17 4.88
C ARG A 304 -14.96 -17.26 4.51
N PHE A 305 -14.89 -16.90 3.23
CA PHE A 305 -13.78 -16.07 2.70
C PHE A 305 -14.28 -15.26 1.52
N LEU A 306 -13.69 -14.08 1.38
CA LEU A 306 -13.81 -13.21 0.18
C LEU A 306 -12.39 -12.89 -0.26
N TRP A 307 -12.04 -13.31 -1.47
CA TRP A 307 -10.63 -13.37 -1.92
C TRP A 307 -10.45 -12.51 -3.18
N ALA A 308 -9.75 -11.39 -3.03
CA ALA A 308 -9.32 -10.55 -4.16
C ALA A 308 -7.99 -11.09 -4.65
N LEU A 309 -7.99 -11.73 -5.82
CA LEU A 309 -6.85 -12.50 -6.40
C LEU A 309 -6.45 -11.91 -7.74
N ARG A 310 -5.17 -11.65 -7.93
CA ARG A 310 -4.58 -11.25 -9.23
C ARG A 310 -4.03 -12.51 -9.90
N LYS A 311 -4.17 -12.58 -11.21
CA LYS A 311 -3.78 -13.74 -12.04
C LYS A 311 -2.28 -13.66 -12.29
N PRO A 312 -1.50 -14.73 -12.00
CA PRO A 312 -0.12 -14.79 -12.46
C PRO A 312 -0.16 -14.74 -13.99
N THR A 313 0.83 -14.11 -14.62
CA THR A 313 0.90 -13.99 -16.10
C THR A 313 0.89 -15.39 -16.71
N GLY A 314 0.23 -15.56 -17.87
CA GLY A 314 0.29 -16.77 -18.72
C GLY A 314 -0.48 -17.97 -18.16
N VAL A 315 -1.32 -17.77 -17.14
CA VAL A 315 -2.11 -18.84 -16.46
C VAL A 315 -3.58 -18.68 -16.86
N SER A 316 -4.16 -19.68 -17.53
CA SER A 316 -5.58 -19.68 -17.99
C SER A 316 -6.49 -19.66 -16.77
N ASP A 317 -7.75 -19.23 -16.97
CA ASP A 317 -8.83 -19.26 -15.94
C ASP A 317 -9.02 -20.69 -15.42
N ALA A 318 -8.81 -21.70 -16.27
CA ALA A 318 -9.00 -23.14 -15.96
C ALA A 318 -7.86 -23.65 -15.07
N ASP A 319 -6.66 -23.08 -15.15
CA ASP A 319 -5.48 -23.55 -14.38
C ASP A 319 -5.33 -22.73 -13.11
N LEU A 320 -6.00 -21.57 -13.05
CA LEU A 320 -5.77 -20.55 -12.00
C LEU A 320 -5.89 -21.23 -10.64
N LEU A 321 -6.96 -22.00 -10.42
CA LEU A 321 -7.38 -22.49 -9.07
C LEU A 321 -7.43 -24.00 -9.07
N PRO A 322 -7.26 -24.69 -7.93
CA PRO A 322 -7.26 -26.15 -7.91
C PRO A 322 -8.57 -26.70 -8.52
N ALA A 323 -8.48 -27.80 -9.27
CA ALA A 323 -9.65 -28.51 -9.85
C ALA A 323 -10.77 -28.62 -8.80
N GLY A 324 -11.94 -28.05 -9.13
CA GLY A 324 -13.15 -28.18 -8.32
C GLY A 324 -13.15 -27.31 -7.07
N PHE A 325 -12.18 -26.42 -6.88
CA PHE A 325 -12.08 -25.58 -5.66
C PHE A 325 -13.36 -24.68 -5.53
N GLU A 326 -13.69 -23.98 -6.64
CA GLU A 326 -14.85 -23.01 -6.64
C GLU A 326 -16.15 -23.79 -6.39
N GLU A 327 -16.31 -24.95 -7.03
CA GLU A 327 -17.51 -25.82 -6.83
C GLU A 327 -17.61 -26.21 -5.33
N ARG A 328 -16.48 -26.60 -4.69
CA ARG A 328 -16.52 -27.15 -3.31
C ARG A 328 -16.75 -26.03 -2.31
N THR A 329 -16.40 -24.78 -2.62
CA THR A 329 -16.49 -23.63 -1.68
C THR A 329 -17.66 -22.69 -2.04
N ARG A 330 -18.35 -22.95 -3.16
CA ARG A 330 -19.50 -22.14 -3.65
C ARG A 330 -20.42 -21.83 -2.44
N GLY A 331 -20.78 -20.55 -2.26
CA GLY A 331 -21.71 -20.17 -1.17
C GLY A 331 -20.99 -19.84 0.14
N ARG A 332 -19.87 -20.53 0.38
N ARG A 332 -19.86 -20.48 0.40
CA ARG A 332 -18.97 -20.36 1.56
CA ARG A 332 -19.04 -20.21 1.61
C ARG A 332 -17.94 -19.24 1.28
C ARG A 332 -17.93 -19.20 1.28
N GLY A 333 -17.43 -19.19 0.05
CA GLY A 333 -16.33 -18.30 -0.34
C GLY A 333 -16.53 -17.75 -1.74
N VAL A 334 -16.03 -16.53 -1.96
CA VAL A 334 -16.06 -15.85 -3.28
C VAL A 334 -14.63 -15.46 -3.65
N VAL A 335 -14.21 -15.83 -4.85
CA VAL A 335 -12.95 -15.36 -5.46
C VAL A 335 -13.33 -14.28 -6.49
N ALA A 336 -12.69 -13.11 -6.44
CA ALA A 336 -12.87 -12.04 -7.44
C ALA A 336 -11.49 -11.72 -8.02
N THR A 337 -11.32 -11.94 -9.32
CA THR A 337 -10.07 -11.68 -10.08
C THR A 337 -10.19 -10.32 -10.76
N ARG A 338 -10.58 -9.31 -10.00
CA ARG A 338 -10.70 -7.90 -10.44
C ARG A 338 -10.40 -7.02 -9.23
N TRP A 339 -10.15 -5.74 -9.47
CA TRP A 339 -9.96 -4.72 -8.41
C TRP A 339 -11.23 -4.68 -7.55
N VAL A 340 -11.14 -4.79 -6.22
CA VAL A 340 -12.31 -4.78 -5.30
C VAL A 340 -12.30 -3.51 -4.46
N PRO A 341 -13.46 -3.10 -3.89
CA PRO A 341 -13.54 -1.94 -3.01
C PRO A 341 -13.08 -2.29 -1.58
N GLN A 342 -11.77 -2.27 -1.38
CA GLN A 342 -11.15 -2.84 -0.16
C GLN A 342 -11.65 -2.12 1.09
N MET A 343 -11.85 -0.81 1.01
CA MET A 343 -12.29 0.00 2.19
C MET A 343 -13.72 -0.42 2.59
N SER A 344 -14.65 -0.57 1.64
CA SER A 344 -16.06 -0.96 1.94
C SER A 344 -16.08 -2.38 2.52
N ILE A 345 -15.16 -3.23 2.05
CA ILE A 345 -15.02 -4.64 2.54
C ILE A 345 -14.52 -4.59 3.98
N LEU A 346 -13.42 -3.91 4.27
CA LEU A 346 -12.85 -3.88 5.64
C LEU A 346 -13.83 -3.19 6.60
N ALA A 347 -14.66 -2.27 6.10
CA ALA A 347 -15.65 -1.54 6.93
C ALA A 347 -16.82 -2.46 7.29
N HIS A 348 -16.98 -3.60 6.60
CA HIS A 348 -18.22 -4.43 6.67
C HIS A 348 -18.22 -5.29 7.94
N ALA A 349 -19.39 -5.42 8.55
CA ALA A 349 -19.64 -6.09 9.85
C ALA A 349 -19.34 -7.60 9.73
N ALA A 350 -19.43 -8.14 8.51
CA ALA A 350 -19.25 -9.58 8.24
C ALA A 350 -17.77 -9.98 8.23
N VAL A 351 -16.84 -9.04 8.03
CA VAL A 351 -15.39 -9.41 7.90
C VAL A 351 -14.79 -9.52 9.30
N GLY A 352 -14.20 -10.67 9.62
CA GLY A 352 -13.51 -10.90 10.91
C GLY A 352 -12.02 -10.66 10.72
N ALA A 353 -11.31 -11.67 10.24
CA ALA A 353 -9.86 -11.63 10.04
C ALA A 353 -9.54 -11.16 8.61
N PHE A 354 -8.36 -10.57 8.44
CA PHE A 354 -7.80 -10.13 7.15
C PHE A 354 -6.53 -10.95 6.87
N LEU A 355 -6.56 -11.79 5.84
CA LEU A 355 -5.34 -12.44 5.32
C LEU A 355 -4.70 -11.46 4.32
N THR A 356 -3.57 -10.88 4.71
CA THR A 356 -2.94 -9.70 4.06
C THR A 356 -1.47 -10.00 3.78
N HIS A 357 -0.92 -9.48 2.67
CA HIS A 357 0.54 -9.47 2.37
C HIS A 357 1.28 -8.43 3.21
N CYS A 358 0.57 -7.62 4.00
CA CYS A 358 1.16 -6.65 4.94
C CYS A 358 1.85 -5.50 4.21
N GLY A 359 1.42 -5.16 2.99
CA GLY A 359 1.57 -3.78 2.47
C GLY A 359 1.15 -2.78 3.55
N TRP A 360 1.75 -1.61 3.60
CA TRP A 360 1.51 -0.73 4.76
C TRP A 360 0.08 -0.17 4.67
N ASN A 361 -0.43 0.09 3.46
CA ASN A 361 -1.83 0.59 3.29
C ASN A 361 -2.79 -0.47 3.86
N SER A 362 -2.61 -1.73 3.48
CA SER A 362 -3.51 -2.84 3.91
C SER A 362 -3.39 -3.07 5.42
N THR A 363 -2.19 -2.89 5.98
CA THR A 363 -1.96 -3.03 7.43
C THR A 363 -2.79 -1.98 8.16
N ILE A 364 -2.66 -0.71 7.77
CA ILE A 364 -3.38 0.44 8.41
C ILE A 364 -4.89 0.26 8.23
N GLU A 365 -5.33 -0.06 7.01
CA GLU A 365 -6.76 -0.21 6.64
C GLU A 365 -7.37 -1.36 7.46
N GLY A 366 -6.67 -2.48 7.57
CA GLY A 366 -7.12 -3.63 8.37
C GLY A 366 -7.28 -3.25 9.82
N LEU A 367 -6.28 -2.58 10.39
CA LEU A 367 -6.31 -2.28 11.85
C LEU A 367 -7.26 -1.13 12.16
N MET A 368 -7.50 -0.21 11.23
CA MET A 368 -8.38 0.96 11.49
C MET A 368 -9.83 0.48 11.65
N PHE A 369 -10.16 -0.70 11.12
CA PHE A 369 -11.46 -1.40 11.36
C PHE A 369 -11.28 -2.60 12.31
N GLY A 370 -10.16 -2.70 13.01
CA GLY A 370 -10.04 -3.62 14.15
C GLY A 370 -10.00 -5.09 13.74
N HIS A 371 -9.56 -5.38 12.53
CA HIS A 371 -9.36 -6.76 12.01
C HIS A 371 -8.01 -7.31 12.46
N PRO A 372 -7.99 -8.49 13.12
CA PRO A 372 -6.74 -9.20 13.36
C PRO A 372 -6.19 -9.70 12.02
N LEU A 373 -4.86 -9.79 11.89
CA LEU A 373 -4.21 -10.07 10.57
C LEU A 373 -3.67 -11.49 10.53
N ILE A 374 -3.84 -12.13 9.38
CA ILE A 374 -3.18 -13.41 9.02
C ILE A 374 -2.18 -12.98 7.96
N MET A 375 -0.89 -13.10 8.24
CA MET A 375 0.11 -12.33 7.47
C MET A 375 0.95 -13.23 6.56
N LEU A 376 0.93 -12.89 5.28
CA LEU A 376 1.66 -13.61 4.21
C LEU A 376 2.50 -12.57 3.47
N PRO A 377 3.57 -12.05 4.10
CA PRO A 377 4.43 -11.04 3.46
C PRO A 377 5.15 -11.71 2.28
N ILE A 378 5.28 -10.95 1.19
CA ILE A 378 5.90 -11.42 -0.08
C ILE A 378 7.26 -10.75 -0.28
N PHE A 379 7.36 -9.42 -0.22
CA PHE A 379 8.67 -8.74 -0.44
C PHE A 379 8.72 -7.36 0.24
N GLY A 380 9.87 -6.70 0.09
CA GLY A 380 10.07 -5.30 0.48
C GLY A 380 9.81 -5.11 1.96
N ASP A 381 8.99 -4.15 2.33
CA ASP A 381 8.73 -3.79 3.75
C ASP A 381 7.72 -4.74 4.40
N GLN A 382 7.21 -5.74 3.69
CA GLN A 382 6.09 -6.60 4.19
C GLN A 382 6.53 -7.49 5.34
N GLY A 383 7.73 -8.09 5.27
CA GLY A 383 8.35 -8.82 6.39
C GLY A 383 8.39 -7.98 7.66
N PRO A 384 9.06 -6.79 7.64
CA PRO A 384 9.09 -5.90 8.81
C PRO A 384 7.69 -5.48 9.30
N ASN A 385 6.80 -5.17 8.37
CA ASN A 385 5.40 -4.80 8.71
C ASN A 385 4.75 -5.96 9.49
N ALA A 386 4.84 -7.18 8.95
CA ALA A 386 4.28 -8.41 9.55
C ALA A 386 4.89 -8.65 10.93
N ARG A 387 6.22 -8.59 11.07
CA ARG A 387 6.89 -8.81 12.39
C ARG A 387 6.45 -7.73 13.38
N LEU A 388 6.25 -6.50 12.91
CA LEU A 388 5.81 -5.37 13.76
C LEU A 388 4.43 -5.70 14.35
N ILE A 389 3.48 -6.14 13.54
CA ILE A 389 2.10 -6.41 14.04
C ILE A 389 2.09 -7.67 14.93
N GLU A 390 2.84 -8.72 14.55
CA GLU A 390 3.03 -9.94 15.39
C GLU A 390 3.54 -9.53 16.77
N ALA A 391 4.51 -8.61 16.84
CA ALA A 391 5.07 -8.13 18.13
C ALA A 391 3.98 -7.46 18.96
N LYS A 392 2.91 -6.91 18.35
CA LYS A 392 1.78 -6.26 19.08
C LYS A 392 0.65 -7.27 19.32
N ASN A 393 0.81 -8.55 18.94
CA ASN A 393 -0.12 -9.67 19.26
C ASN A 393 -1.44 -9.54 18.50
N ALA A 394 -1.47 -8.81 17.38
CA ALA A 394 -2.69 -8.43 16.65
C ALA A 394 -2.78 -9.23 15.36
N GLY A 395 -1.84 -10.17 15.17
CA GLY A 395 -1.83 -11.06 14.00
C GLY A 395 -0.81 -12.16 14.12
N LEU A 396 -0.76 -13.04 13.14
CA LEU A 396 0.12 -14.22 13.09
C LEU A 396 0.56 -14.39 11.64
N GLN A 397 1.85 -14.60 11.42
CA GLN A 397 2.41 -14.92 10.10
C GLN A 397 2.11 -16.37 9.75
N VAL A 398 1.83 -16.65 8.48
CA VAL A 398 1.83 -18.02 7.92
C VAL A 398 3.27 -18.52 8.05
N ALA A 399 3.47 -19.73 8.57
CA ALA A 399 4.79 -20.41 8.70
C ALA A 399 5.43 -20.47 7.31
N ARG A 400 6.74 -20.18 7.23
CA ARG A 400 7.53 -20.16 5.97
C ARG A 400 8.74 -21.10 6.13
N ASN A 401 9.12 -21.81 5.07
CA ASN A 401 10.40 -22.56 5.01
C ASN A 401 11.55 -21.56 4.94
N ASP A 402 12.46 -21.58 5.93
CA ASP A 402 13.85 -21.04 5.81
C ASP A 402 14.55 -21.80 4.69
N GLY A 403 15.04 -21.11 3.65
CA GLY A 403 15.69 -21.72 2.48
C GLY A 403 15.18 -21.09 1.19
N ASP A 404 13.86 -20.99 1.04
CA ASP A 404 13.18 -20.39 -0.15
C ASP A 404 12.09 -19.39 0.26
N GLY A 405 11.61 -19.41 1.51
CA GLY A 405 10.49 -18.54 1.95
C GLY A 405 9.14 -19.02 1.43
N SER A 406 9.05 -20.29 1.04
CA SER A 406 7.82 -20.92 0.51
C SER A 406 6.84 -21.20 1.66
N PHE A 407 5.59 -21.47 1.31
CA PHE A 407 4.51 -21.78 2.27
C PHE A 407 3.67 -22.92 1.67
N ASP A 408 2.86 -23.58 2.49
CA ASP A 408 1.95 -24.64 1.98
C ASP A 408 0.56 -24.47 2.59
N ARG A 409 -0.39 -25.25 2.08
CA ARG A 409 -1.83 -25.21 2.47
C ARG A 409 -1.95 -25.38 3.99
N GLU A 410 -1.10 -26.18 4.63
CA GLU A 410 -1.23 -26.55 6.07
C GLU A 410 -0.85 -25.37 6.96
N GLY A 411 0.24 -24.66 6.62
CA GLY A 411 0.66 -23.41 7.30
C GLY A 411 -0.40 -22.34 7.13
N VAL A 412 -0.98 -22.23 5.94
CA VAL A 412 -2.06 -21.24 5.69
C VAL A 412 -3.23 -21.57 6.61
N ALA A 413 -3.66 -22.83 6.62
CA ALA A 413 -4.84 -23.30 7.40
C ALA A 413 -4.59 -23.09 8.89
N ALA A 414 -3.40 -23.46 9.40
CA ALA A 414 -3.04 -23.32 10.83
C ALA A 414 -3.07 -21.84 11.23
N ALA A 415 -2.66 -20.92 10.35
CA ALA A 415 -2.63 -19.48 10.67
C ALA A 415 -4.07 -18.96 10.76
N ILE A 416 -4.92 -19.38 9.83
CA ILE A 416 -6.37 -19.00 9.82
C ILE A 416 -7.03 -19.55 11.10
N ARG A 417 -6.82 -20.84 11.39
CA ARG A 417 -7.43 -21.45 12.60
C ARG A 417 -7.04 -20.62 13.83
N ALA A 418 -5.76 -20.34 14.04
CA ALA A 418 -5.29 -19.67 15.29
C ALA A 418 -5.88 -18.26 15.37
N VAL A 419 -5.92 -17.51 14.27
CA VAL A 419 -6.38 -16.09 14.30
C VAL A 419 -7.93 -16.02 14.24
N ALA A 420 -8.61 -16.89 13.50
CA ALA A 420 -10.05 -16.73 13.16
C ALA A 420 -10.96 -17.82 13.77
N VAL A 421 -10.48 -19.03 14.12
CA VAL A 421 -11.37 -20.19 14.46
C VAL A 421 -11.23 -20.62 15.92
N GLU A 422 -10.07 -21.12 16.35
CA GLU A 422 -9.85 -21.56 17.76
C GLU A 422 -10.33 -20.41 18.69
N GLU A 423 -11.26 -20.73 19.60
CA GLU A 423 -12.01 -19.74 20.43
C GLU A 423 -11.04 -18.87 21.23
N GLU A 424 -10.05 -19.48 21.91
CA GLU A 424 -9.19 -18.81 22.91
C GLU A 424 -8.24 -17.85 22.19
N SER A 425 -7.51 -18.35 21.19
CA SER A 425 -6.50 -17.57 20.42
C SER A 425 -7.22 -16.48 19.63
N SER A 426 -8.26 -16.82 18.85
CA SER A 426 -9.04 -15.86 18.02
C SER A 426 -9.49 -14.68 18.89
N LYS A 427 -9.97 -14.93 20.11
CA LYS A 427 -10.52 -13.86 20.99
C LYS A 427 -9.39 -12.92 21.43
N VAL A 428 -8.18 -13.45 21.63
CA VAL A 428 -7.01 -12.63 22.05
C VAL A 428 -6.60 -11.75 20.86
N PHE A 429 -6.53 -12.35 19.66
CA PHE A 429 -6.18 -11.61 18.41
C PHE A 429 -7.18 -10.44 18.20
N GLN A 430 -8.47 -10.65 18.46
CA GLN A 430 -9.53 -9.64 18.21
C GLN A 430 -9.38 -8.51 19.22
N ALA A 431 -9.20 -8.85 20.50
CA ALA A 431 -9.01 -7.86 21.57
C ALA A 431 -7.73 -7.02 21.29
N LYS A 432 -6.66 -7.65 20.77
CA LYS A 432 -5.37 -6.93 20.51
C LYS A 432 -5.53 -6.06 19.26
N ALA A 433 -6.23 -6.52 18.21
CA ALA A 433 -6.53 -5.69 17.02
C ALA A 433 -7.37 -4.47 17.43
N LYS A 434 -8.31 -4.66 18.37
CA LYS A 434 -9.22 -3.59 18.88
C LYS A 434 -8.40 -2.49 19.56
N LYS A 435 -7.45 -2.89 20.43
CA LYS A 435 -6.51 -1.95 21.10
C LYS A 435 -5.73 -1.18 20.02
N LEU A 436 -5.30 -1.84 18.96
CA LEU A 436 -4.55 -1.12 17.90
C LEU A 436 -5.50 -0.14 17.17
N GLN A 437 -6.75 -0.53 16.92
CA GLN A 437 -7.79 0.32 16.28
C GLN A 437 -7.97 1.65 17.05
N GLU A 438 -7.92 1.63 18.38
CA GLU A 438 -8.02 2.87 19.20
C GLU A 438 -6.97 3.89 18.74
N ILE A 439 -5.78 3.44 18.33
CA ILE A 439 -4.67 4.33 17.88
C ILE A 439 -4.85 4.58 16.38
N VAL A 440 -5.02 3.52 15.61
CA VAL A 440 -5.01 3.63 14.13
C VAL A 440 -6.21 4.46 13.69
N ALA A 441 -7.38 4.30 14.32
CA ALA A 441 -8.64 4.93 13.89
C ALA A 441 -8.89 6.24 14.64
N ASP A 442 -7.90 6.75 15.37
CA ASP A 442 -7.97 8.09 16.03
C ASP A 442 -7.76 9.16 14.96
N MET A 443 -8.82 9.48 14.20
CA MET A 443 -8.72 10.31 12.96
C MET A 443 -8.27 11.73 13.34
N ALA A 444 -8.71 12.24 14.48
CA ALA A 444 -8.30 13.58 14.97
C ALA A 444 -6.78 13.60 15.19
N CYS A 445 -6.25 12.61 15.90
CA CYS A 445 -4.79 12.45 16.17
C CYS A 445 -4.02 12.53 14.84
N HIS A 446 -4.45 11.78 13.85
CA HIS A 446 -3.76 11.67 12.53
C HIS A 446 -3.81 13.01 11.78
N GLU A 447 -4.93 13.75 11.84
CA GLU A 447 -5.03 15.12 11.28
C GLU A 447 -4.01 16.04 11.95
N ARG A 448 -3.84 15.98 13.27
CA ARG A 448 -2.86 16.82 14.00
C ARG A 448 -1.44 16.53 13.51
N TYR A 449 -1.13 15.27 13.18
CA TYR A 449 0.17 14.89 12.57
C TYR A 449 0.34 15.50 11.17
N ILE A 450 -0.73 15.67 10.39
CA ILE A 450 -0.63 16.35 9.05
C ILE A 450 -0.31 17.83 9.27
N ASP A 451 -0.93 18.48 10.25
CA ASP A 451 -0.65 19.90 10.63
C ASP A 451 0.82 19.99 11.06
N GLY A 452 1.30 19.01 11.83
CA GLY A 452 2.71 18.94 12.29
C GLY A 452 3.67 18.81 11.12
N PHE A 453 3.33 18.01 10.11
CA PHE A 453 4.19 17.83 8.92
C PHE A 453 4.24 19.13 8.09
N ILE A 454 3.10 19.78 7.89
CA ILE A 454 3.04 21.09 7.16
C ILE A 454 3.95 22.09 7.88
N GLN A 455 3.96 22.09 9.23
CA GLN A 455 4.80 23.02 10.02
C GLN A 455 6.27 22.66 9.79
N GLN A 456 6.64 21.38 9.84
CA GLN A 456 8.00 20.89 9.49
C GLN A 456 8.44 21.49 8.15
N LEU A 457 7.57 21.49 7.13
CA LEU A 457 7.90 21.96 5.76
C LEU A 457 8.10 23.48 5.73
N ARG A 458 7.31 24.28 6.46
CA ARG A 458 7.47 25.76 6.48
C ARG A 458 8.86 26.12 7.04
N SER A 459 9.32 25.41 8.07
CA SER A 459 10.70 25.47 8.61
C SER A 459 11.64 24.62 7.72
#